data_3WK5
#
_entry.id   3WK5
#
_cell.length_a   91.930
_cell.length_b   91.930
_cell.length_c   243.847
_cell.angle_alpha   90.00
_cell.angle_beta   90.00
_cell.angle_gamma   120.00
#
_symmetry.space_group_name_H-M   'P 65 2 2'
#
loop_
_entity.id
_entity.type
_entity.pdbx_description
1 polymer 'Bifunctional epoxide hydrolase 2'
2 non-polymer 'MAGNESIUM ION'
3 non-polymer 'PHOSPHATE ION'
4 non-polymer 2-cyclopentyl-N-(1,3-thiazol-2-yl)acetamide
5 water water
#
_entity_poly.entity_id   1
_entity_poly.type   'polypeptide(L)'
_entity_poly.pdbx_seq_one_letter_code
;MTLRAAVFDLDGVLALPAVFGVLGRTEEALALPRGLLNDAFQKGGPEGATTRLMKGEITLSQWIPLMEENCRKCSETAKV
CLPKNFSIKEIFDKAISARKINRPMLQAALMLRKKGFTTAILTNTWLDDRAERDGLAQLMCELKMHFDFLIESCQVGMVK
PEPQIYKFLLDTLKASPSEVVFLDDIGANLKPARDLGMVTILVQDTDTALKELEKVTGIQLLNTPAPLPTSCNPSDMSHG
YVTVKPRVRLHFVELGSGPAVCLCHGFPESWYSWRYQIPALAQAGYRVLAMDMKGYGESSAPPEIEEYCMEVLCKEMVTF
LDKLGLSQAVFIGHDWGGMLVWYMALFYPERVRAVASLNTPFIPANPNMSPLESIKANPVFDYQLYFQEPGVAEAELEQN
LSRTFKSLFRASDESVLSMHKVCEAGGLFVNSPEEPSLSRMVTEEEIQFYVQQFKKSGFRGPLNWYRNMERNWKWACKSL
GRKILIPALMVTAEKDFVLVPQMSQHMEDWIPHLKRGHIEDCGHWTQMDKPTEVNQILIKWLDSDARNPPVVSKMHHHHH
H
;
_entity_poly.pdbx_strand_id   A
#
loop_
_chem_comp.id
_chem_comp.type
_chem_comp.name
_chem_comp.formula
MG non-polymer 'MAGNESIUM ION' 'Mg 2'
PO4 non-polymer 'PHOSPHATE ION' 'O4 P -3'
S0C non-polymer 2-cyclopentyl-N-(1,3-thiazol-2-yl)acetamide 'C10 H14 N2 O S'
#
# COMPACT_ATOMS: atom_id res chain seq x y z
N THR A 2 22.69 9.48 -21.41
CA THR A 2 23.94 8.74 -21.07
C THR A 2 23.93 7.99 -19.70
N LEU A 3 23.29 8.59 -18.67
CA LEU A 3 23.09 7.96 -17.33
C LEU A 3 21.94 6.98 -17.28
N ARG A 4 22.18 5.78 -16.75
CA ARG A 4 21.20 4.69 -16.78
C ARG A 4 20.96 4.06 -15.40
N ALA A 5 21.84 4.34 -14.45
CA ALA A 5 21.64 3.83 -13.11
C ALA A 5 21.81 4.87 -12.01
N ALA A 6 21.07 4.70 -10.91
CA ALA A 6 21.19 5.57 -9.72
C ALA A 6 21.43 4.74 -8.47
N VAL A 7 22.48 5.08 -7.71
CA VAL A 7 22.77 4.38 -6.45
C VAL A 7 22.66 5.32 -5.25
N PHE A 8 21.94 4.87 -4.23
CA PHE A 8 21.71 5.68 -3.04
C PHE A 8 22.28 5.00 -1.82
N ASP A 9 23.10 5.74 -1.08
CA ASP A 9 23.53 5.33 0.27
C ASP A 9 22.27 5.22 1.11
N LEU A 10 22.35 4.55 2.24
CA LEU A 10 21.22 4.50 3.18
C LEU A 10 21.41 5.59 4.25
N ASP A 11 22.14 5.24 5.31
CA ASP A 11 22.48 6.18 6.38
C ASP A 11 22.99 7.53 5.85
N GLY A 12 22.15 8.56 5.99
CA GLY A 12 22.51 9.92 5.65
C GLY A 12 22.03 10.27 4.25
N VAL A 13 21.40 9.32 3.56
CA VAL A 13 20.86 9.61 2.23
C VAL A 13 19.40 9.17 2.11
N LEU A 14 19.10 7.88 2.20
CA LEU A 14 17.69 7.45 2.24
C LEU A 14 17.08 7.47 3.64
N ALA A 15 17.94 7.47 4.66
CA ALA A 15 17.48 7.47 6.04
C ALA A 15 18.21 8.53 6.87
N LEU A 16 17.43 9.36 7.58
CA LEU A 16 17.91 10.47 8.41
C LEU A 16 17.31 10.43 9.84
N PRO A 17 18.05 10.97 10.85
CA PRO A 17 19.43 11.43 10.85
C PRO A 17 20.37 10.23 10.75
N ALA A 18 21.55 10.43 10.16
CA ALA A 18 22.58 9.39 10.14
C ALA A 18 23.03 9.01 11.56
N VAL A 19 23.45 7.76 11.80
CA VAL A 19 23.88 7.38 13.17
C VAL A 19 25.21 7.97 13.70
N PHE A 20 26.16 8.31 12.81
CA PHE A 20 27.39 9.05 13.20
C PHE A 20 26.97 10.43 13.70
N GLY A 21 25.78 10.86 13.28
CA GLY A 21 25.13 12.07 13.79
C GLY A 21 24.72 11.95 15.25
N VAL A 22 24.28 10.76 15.66
CA VAL A 22 24.05 10.48 17.08
C VAL A 22 25.36 10.26 17.85
N LEU A 23 26.36 9.67 17.20
CA LEU A 23 27.70 9.60 17.79
C LEU A 23 28.13 10.96 18.35
N GLY A 24 28.07 11.99 17.51
CA GLY A 24 28.48 13.36 17.86
C GLY A 24 27.59 14.03 18.90
N ARG A 25 26.27 13.88 18.77
CA ARG A 25 25.34 14.45 19.75
C ARG A 25 25.55 13.85 21.16
N THR A 26 25.55 12.54 21.23
CA THR A 26 25.90 11.85 22.47
C THR A 26 27.16 12.40 23.16
N GLU A 27 28.27 12.60 22.43
CA GLU A 27 29.48 13.28 22.97
C GLU A 27 29.14 14.61 23.67
N GLU A 28 28.58 15.57 22.93
CA GLU A 28 28.20 16.85 23.51
C GLU A 28 27.27 16.63 24.69
N ALA A 29 26.19 15.89 24.46
CA ALA A 29 25.26 15.51 25.52
C ALA A 29 25.94 15.11 26.84
N LEU A 30 26.98 14.28 26.76
CA LEU A 30 27.64 13.73 27.94
C LEU A 30 28.96 14.41 28.20
N ALA A 31 29.16 15.51 27.48
CA ALA A 31 30.35 16.36 27.53
C ALA A 31 31.69 15.57 27.47
N LEU A 32 31.72 14.57 26.59
CA LEU A 32 32.91 13.81 26.33
C LEU A 32 33.78 14.56 25.32
N PRO A 33 35.11 14.24 25.26
CA PRO A 33 36.03 14.74 24.24
C PRO A 33 35.45 14.67 22.81
N ARG A 34 35.61 15.75 22.05
CA ARG A 34 35.03 15.79 20.72
C ARG A 34 35.64 14.66 19.90
N GLY A 35 34.77 13.86 19.28
CA GLY A 35 35.20 12.82 18.35
C GLY A 35 35.67 11.53 19.00
N LEU A 36 35.73 11.48 20.33
CA LEU A 36 36.12 10.26 21.07
C LEU A 36 35.33 9.02 20.63
N LEU A 37 34.02 9.17 20.46
CA LEU A 37 33.21 8.05 20.07
C LEU A 37 33.52 7.60 18.66
N ASN A 38 33.92 8.54 17.80
CA ASN A 38 34.33 8.21 16.44
C ASN A 38 35.63 7.41 16.38
N ASP A 39 36.64 7.86 17.12
CA ASP A 39 37.90 7.11 17.22
C ASP A 39 37.64 5.68 17.63
N ALA A 40 36.82 5.51 18.67
CA ALA A 40 36.47 4.17 19.18
C ALA A 40 35.80 3.34 18.09
N PHE A 41 34.77 3.91 17.48
CA PHE A 41 34.08 3.33 16.34
C PHE A 41 35.03 2.84 15.23
N GLN A 42 36.08 3.62 14.92
CA GLN A 42 36.97 3.35 13.77
C GLN A 42 38.26 2.63 14.14
N LYS A 43 38.38 2.30 15.42
CA LYS A 43 39.65 1.82 15.95
C LYS A 43 40.20 0.60 15.23
N GLY A 44 41.40 0.71 14.67
CA GLY A 44 42.06 -0.41 14.02
C GLY A 44 41.75 -0.50 12.54
N GLY A 45 41.06 0.53 12.01
CA GLY A 45 40.69 0.59 10.59
C GLY A 45 40.23 -0.74 10.00
N PRO A 46 40.73 -1.10 8.80
CA PRO A 46 40.43 -2.39 8.16
C PRO A 46 40.41 -3.67 9.01
N GLU A 47 41.16 -3.73 10.13
CA GLU A 47 41.09 -4.92 11.02
C GLU A 47 40.31 -4.70 12.31
N GLY A 48 39.67 -3.56 12.42
CA GLY A 48 38.96 -3.19 13.63
C GLY A 48 37.59 -3.83 13.77
N ALA A 49 37.10 -3.83 15.01
CA ALA A 49 35.80 -4.35 15.31
C ALA A 49 34.75 -3.87 14.28
N THR A 50 34.76 -2.58 13.93
CA THR A 50 33.67 -2.08 13.09
C THR A 50 33.72 -2.63 11.67
N THR A 51 34.91 -2.74 11.08
CA THR A 51 35.00 -3.36 9.76
C THR A 51 34.52 -4.82 9.78
N ARG A 52 35.00 -5.60 10.77
CA ARG A 52 34.61 -7.01 10.87
C ARG A 52 33.10 -7.13 10.93
N LEU A 53 32.46 -6.13 11.51
CA LEU A 53 31.02 -6.09 11.64
C LEU A 53 30.32 -5.76 10.33
N MET A 54 30.77 -4.69 9.68
CA MET A 54 30.23 -4.26 8.39
C MET A 54 30.39 -5.33 7.31
N LYS A 55 31.40 -6.18 7.48
CA LYS A 55 31.69 -7.28 6.55
C LYS A 55 30.93 -8.57 6.84
N GLY A 56 30.21 -8.61 7.95
CA GLY A 56 29.46 -9.77 8.33
C GLY A 56 30.22 -10.82 9.12
N GLU A 57 31.44 -10.53 9.54
CA GLU A 57 32.20 -11.50 10.32
C GLU A 57 31.59 -11.72 11.69
N ILE A 58 31.10 -10.63 12.29
CA ILE A 58 30.37 -10.70 13.54
C ILE A 58 29.00 -9.99 13.46
N THR A 59 28.12 -10.32 14.40
CA THR A 59 26.80 -9.72 14.49
C THR A 59 26.90 -8.49 15.33
N LEU A 60 25.82 -7.70 15.32
CA LEU A 60 25.80 -6.43 16.06
C LEU A 60 26.02 -6.65 17.54
N SER A 61 25.34 -7.64 18.11
CA SER A 61 25.44 -7.92 19.54
C SER A 61 26.81 -8.41 19.92
N GLN A 62 27.53 -9.01 18.96
CA GLN A 62 28.94 -9.39 19.20
C GLN A 62 29.82 -8.16 19.24
N TRP A 63 29.44 -7.14 18.46
CA TRP A 63 30.28 -5.96 18.30
C TRP A 63 30.16 -5.01 19.49
N ILE A 64 29.00 -5.03 20.15
CA ILE A 64 28.73 -4.05 21.18
C ILE A 64 29.79 -4.02 22.26
N PRO A 65 30.11 -5.16 22.89
CA PRO A 65 31.20 -5.15 23.88
C PRO A 65 32.56 -4.70 23.35
N LEU A 66 32.92 -5.12 22.14
CA LEU A 66 34.15 -4.64 21.50
C LEU A 66 34.24 -3.10 21.40
N MET A 67 33.15 -2.46 20.96
CA MET A 67 33.03 -1.00 20.96
C MET A 67 33.17 -0.39 22.37
N GLU A 68 32.67 -1.09 23.39
CA GLU A 68 32.82 -0.71 24.79
C GLU A 68 34.29 -0.62 25.17
N GLU A 69 35.04 -1.64 24.74
CA GLU A 69 36.44 -1.73 25.05
C GLU A 69 37.12 -0.51 24.39
N ASN A 70 36.90 -0.36 23.09
CA ASN A 70 37.47 0.75 22.33
C ASN A 70 37.25 2.12 22.93
N CYS A 71 36.10 2.31 23.58
CA CYS A 71 35.73 3.53 24.27
C CYS A 71 36.44 3.62 25.61
N ARG A 72 36.64 2.49 26.28
CA ARG A 72 37.47 2.44 27.47
C ARG A 72 38.92 2.85 27.07
N LYS A 73 39.48 2.24 26.03
CA LYS A 73 40.86 2.54 25.60
C LYS A 73 41.06 3.98 25.08
N CYS A 74 40.11 4.46 24.29
CA CYS A 74 40.10 5.85 23.80
C CYS A 74 40.01 6.85 24.91
N SER A 75 39.20 6.54 25.93
CA SER A 75 39.00 7.46 27.04
C SER A 75 40.22 7.46 27.94
N GLU A 76 40.83 6.29 28.13
CA GLU A 76 42.07 6.17 28.89
C GLU A 76 43.23 6.94 28.25
N THR A 77 43.38 6.80 26.93
CA THR A 77 44.44 7.52 26.23
C THR A 77 44.25 9.06 26.22
N ALA A 78 43.00 9.53 26.06
CA ALA A 78 42.68 10.97 26.15
C ALA A 78 42.54 11.48 27.61
N LYS A 79 42.79 10.59 28.59
CA LYS A 79 42.74 10.91 30.02
C LYS A 79 41.42 11.60 30.50
N VAL A 80 40.31 10.86 30.35
CA VAL A 80 38.97 11.22 30.84
C VAL A 80 38.27 9.95 31.28
N CYS A 81 37.30 10.10 32.16
CA CYS A 81 36.48 8.99 32.59
C CYS A 81 35.22 8.92 31.75
N LEU A 82 34.71 7.71 31.59
CA LEU A 82 33.40 7.49 31.01
C LEU A 82 32.35 7.68 32.13
N PRO A 83 31.14 8.20 31.80
CA PRO A 83 30.06 8.39 32.79
C PRO A 83 29.57 7.10 33.47
N LYS A 84 28.96 7.25 34.64
CA LYS A 84 28.27 6.15 35.32
C LYS A 84 27.05 5.70 34.48
N ASN A 85 26.97 4.40 34.22
CA ASN A 85 25.93 3.83 33.34
C ASN A 85 26.03 4.22 31.85
N PHE A 86 27.24 4.53 31.39
CA PHE A 86 27.53 4.68 29.96
C PHE A 86 27.29 3.35 29.28
N SER A 87 26.59 3.37 28.17
CA SER A 87 26.09 2.13 27.55
C SER A 87 25.97 2.23 26.01
N ILE A 88 26.82 1.47 25.33
CA ILE A 88 26.86 1.46 23.86
C ILE A 88 25.55 0.98 23.23
N LYS A 89 24.98 -0.08 23.81
CA LYS A 89 23.68 -0.60 23.40
C LYS A 89 22.59 0.46 23.45
N GLU A 90 22.51 1.21 24.56
CA GLU A 90 21.47 2.23 24.71
C GLU A 90 21.59 3.36 23.71
N ILE A 91 22.84 3.83 23.51
CA ILE A 91 23.12 4.92 22.55
C ILE A 91 22.67 4.49 21.16
N PHE A 92 23.19 3.34 20.71
CA PHE A 92 22.90 2.78 19.38
C PHE A 92 21.45 2.35 19.14
N ASP A 93 20.73 1.95 20.18
CA ASP A 93 19.30 1.66 20.08
C ASP A 93 18.58 2.95 19.69
N LYS A 94 18.79 3.99 20.50
CA LYS A 94 18.08 5.26 20.35
C LYS A 94 18.33 5.76 18.95
N ALA A 95 19.63 5.76 18.57
CA ALA A 95 20.11 6.15 17.23
C ALA A 95 19.40 5.40 16.09
N ILE A 96 19.55 4.08 16.06
CA ILE A 96 18.96 3.27 15.01
C ILE A 96 17.45 3.55 14.88
N SER A 97 16.74 3.59 16.01
CA SER A 97 15.28 3.84 15.99
C SER A 97 14.88 5.30 15.76
N ALA A 98 15.86 6.20 15.84
CA ALA A 98 15.64 7.60 15.52
C ALA A 98 15.62 7.81 14.01
N ARG A 99 16.31 6.98 13.24
CA ARG A 99 16.36 7.22 11.78
C ARG A 99 15.02 6.90 11.10
N LYS A 100 14.62 7.78 10.17
CA LYS A 100 13.35 7.63 9.40
C LYS A 100 13.67 7.79 7.92
N ILE A 101 12.80 7.25 7.06
CA ILE A 101 12.95 7.45 5.61
C ILE A 101 12.96 8.93 5.25
N ASN A 102 13.89 9.31 4.42
CA ASN A 102 13.98 10.64 3.92
C ASN A 102 13.02 10.75 2.71
N ARG A 103 11.75 11.07 2.95
CA ARG A 103 10.73 11.09 1.86
C ARG A 103 11.18 11.73 0.55
N PRO A 104 11.73 12.96 0.61
CA PRO A 104 12.10 13.54 -0.71
C PRO A 104 13.11 12.70 -1.52
N MET A 105 14.13 12.14 -0.86
CA MET A 105 15.09 11.28 -1.53
C MET A 105 14.43 10.00 -2.07
N LEU A 106 13.73 9.27 -1.20
CA LEU A 106 12.99 8.12 -1.66
C LEU A 106 12.19 8.51 -2.89
N GLN A 107 11.44 9.62 -2.80
CA GLN A 107 10.57 9.97 -3.91
C GLN A 107 11.39 10.26 -5.17
N ALA A 108 12.53 10.96 -5.03
CA ALA A 108 13.41 11.17 -6.18
C ALA A 108 13.84 9.84 -6.80
N ALA A 109 14.28 8.88 -5.99
CA ALA A 109 14.65 7.58 -6.52
C ALA A 109 13.50 6.94 -7.28
N LEU A 110 12.33 6.91 -6.65
CA LEU A 110 11.11 6.50 -7.36
C LEU A 110 11.00 7.12 -8.78
N MET A 111 10.94 8.44 -8.84
CA MET A 111 10.87 9.14 -10.12
C MET A 111 11.85 8.61 -11.17
N LEU A 112 13.13 8.57 -10.80
CA LEU A 112 14.19 8.03 -11.65
C LEU A 112 13.89 6.59 -12.06
N ARG A 113 13.57 5.73 -11.10
CA ARG A 113 13.13 4.40 -11.45
C ARG A 113 12.05 4.48 -12.52
N LYS A 114 11.02 5.29 -12.29
CA LYS A 114 9.87 5.31 -13.18
C LYS A 114 10.21 5.81 -14.59
N LYS A 115 11.21 6.68 -14.70
CA LYS A 115 11.68 7.10 -16.03
C LYS A 115 12.78 6.17 -16.56
N GLY A 116 12.80 4.91 -16.10
CA GLY A 116 13.72 3.93 -16.65
C GLY A 116 15.07 3.60 -16.00
N PHE A 117 15.49 4.34 -14.96
CA PHE A 117 16.78 4.06 -14.30
C PHE A 117 16.77 2.77 -13.51
N THR A 118 17.93 2.11 -13.50
CA THR A 118 18.20 1.03 -12.57
C THR A 118 18.59 1.70 -11.28
N THR A 119 17.86 1.38 -10.20
CA THR A 119 18.14 1.98 -8.91
C THR A 119 18.66 0.94 -7.94
N ALA A 120 19.64 1.34 -7.12
CA ALA A 120 20.13 0.50 -6.00
C ALA A 120 20.46 1.25 -4.70
N ILE A 121 20.38 0.52 -3.59
CA ILE A 121 20.94 0.98 -2.33
C ILE A 121 22.24 0.24 -2.11
N LEU A 122 23.31 1.00 -1.90
CA LEU A 122 24.58 0.40 -1.51
C LEU A 122 24.92 0.91 -0.14
N THR A 123 24.94 0.01 0.83
CA THR A 123 25.13 0.40 2.22
C THR A 123 26.12 -0.44 3.08
N ASN A 124 26.86 0.24 3.95
CA ASN A 124 27.59 -0.46 5.02
C ASN A 124 26.66 -0.66 6.19
N THR A 125 26.42 -1.91 6.55
CA THR A 125 25.43 -2.22 7.54
C THR A 125 25.78 -3.56 8.16
N TRP A 126 24.98 -4.03 9.11
CA TRP A 126 25.39 -5.06 10.04
C TRP A 126 24.32 -6.14 10.15
N LEU A 127 24.72 -7.32 10.60
CA LEU A 127 23.74 -8.35 10.91
C LEU A 127 23.17 -8.05 12.29
N ASP A 128 21.92 -7.59 12.32
CA ASP A 128 21.38 -7.03 13.54
C ASP A 128 20.69 -8.10 14.36
N ASP A 129 21.22 -8.43 15.53
CA ASP A 129 20.59 -9.46 16.39
C ASP A 129 20.15 -8.94 17.76
N ARG A 130 19.97 -7.63 17.87
CA ARG A 130 19.44 -7.00 19.08
C ARG A 130 18.00 -7.47 19.27
N ALA A 131 17.57 -7.49 20.53
CA ALA A 131 16.16 -7.68 20.80
C ALA A 131 15.30 -6.73 19.96
N GLU A 132 15.83 -5.59 19.56
CA GLU A 132 14.99 -4.54 19.02
C GLU A 132 15.18 -4.46 17.52
N ARG A 133 15.77 -5.53 16.96
CA ARG A 133 16.13 -5.60 15.54
C ARG A 133 15.00 -5.37 14.56
N ASP A 134 13.77 -5.70 14.97
CA ASP A 134 12.64 -5.60 14.07
C ASP A 134 12.42 -4.19 13.46
N GLY A 135 12.76 -3.17 14.25
CA GLY A 135 12.58 -1.80 13.84
C GLY A 135 13.29 -1.56 12.52
N LEU A 136 14.58 -1.85 12.50
CA LEU A 136 15.38 -1.72 11.30
C LEU A 136 14.90 -2.68 10.19
N ALA A 137 14.47 -3.89 10.54
CA ALA A 137 14.00 -4.84 9.53
C ALA A 137 12.88 -4.19 8.73
N GLN A 138 11.98 -3.56 9.49
CA GLN A 138 10.83 -2.91 8.90
C GLN A 138 11.24 -1.80 7.97
N LEU A 139 12.21 -0.99 8.40
CA LEU A 139 12.69 0.10 7.56
C LEU A 139 13.20 -0.50 6.27
N MET A 140 14.12 -1.46 6.41
CA MET A 140 14.77 -2.11 5.26
C MET A 140 13.76 -2.74 4.28
N CYS A 141 12.70 -3.36 4.80
CA CYS A 141 11.57 -3.77 3.98
C CYS A 141 10.91 -2.63 3.20
N GLU A 142 10.44 -1.60 3.92
CA GLU A 142 9.76 -0.46 3.32
C GLU A 142 10.54 0.15 2.14
N LEU A 143 11.85 0.23 2.32
CA LEU A 143 12.78 0.78 1.35
C LEU A 143 13.12 -0.16 0.19
N LYS A 144 13.53 -1.39 0.50
CA LYS A 144 13.97 -2.30 -0.54
C LYS A 144 12.96 -2.46 -1.68
N MET A 145 11.66 -2.59 -1.37
CA MET A 145 10.63 -2.81 -2.40
C MET A 145 10.63 -1.75 -3.51
N HIS A 146 11.27 -0.60 -3.27
CA HIS A 146 11.31 0.49 -4.27
C HIS A 146 12.55 0.55 -5.16
N PHE A 147 13.44 -0.44 -5.00
CA PHE A 147 14.74 -0.43 -5.67
C PHE A 147 15.03 -1.75 -6.38
N ASP A 148 15.79 -1.72 -7.46
CA ASP A 148 16.14 -2.94 -8.18
C ASP A 148 17.05 -3.83 -7.33
N PHE A 149 17.96 -3.21 -6.58
CA PHE A 149 18.89 -3.97 -5.74
C PHE A 149 19.10 -3.28 -4.43
N LEU A 150 19.37 -4.08 -3.41
CA LEU A 150 19.90 -3.59 -2.18
C LEU A 150 21.14 -4.42 -1.88
N ILE A 151 22.31 -3.81 -1.99
CA ILE A 151 23.57 -4.48 -1.70
C ILE A 151 24.05 -4.05 -0.32
N GLU A 152 24.20 -5.01 0.59
CA GLU A 152 24.60 -4.68 1.97
C GLU A 152 26.00 -5.16 2.29
N SER A 153 26.83 -4.26 2.82
CA SER A 153 28.20 -4.63 3.09
C SER A 153 28.28 -6.01 3.73
N CYS A 154 27.45 -6.25 4.74
CA CYS A 154 27.58 -7.46 5.52
C CYS A 154 27.02 -8.69 4.80
N GLN A 155 26.36 -8.48 3.69
CA GLN A 155 25.83 -9.63 2.98
C GLN A 155 26.87 -10.07 1.95
N VAL A 156 27.61 -9.10 1.37
CA VAL A 156 28.60 -9.38 0.34
C VAL A 156 30.06 -9.49 0.79
N GLY A 157 30.34 -9.22 2.07
CA GLY A 157 31.69 -9.37 2.60
C GLY A 157 32.65 -8.25 2.24
N MET A 158 32.12 -7.13 1.76
CA MET A 158 32.93 -5.98 1.31
C MET A 158 32.33 -4.69 1.89
N VAL A 159 33.10 -3.60 1.95
CA VAL A 159 32.60 -2.32 2.49
C VAL A 159 32.95 -1.11 1.63
N LYS A 160 32.20 -0.03 1.77
CA LYS A 160 32.69 1.25 1.29
C LYS A 160 33.82 1.65 2.25
N PRO A 161 34.93 2.22 1.76
CA PRO A 161 35.36 2.61 0.41
C PRO A 161 36.15 1.58 -0.40
N GLU A 162 36.35 0.36 0.11
CA GLU A 162 37.11 -0.66 -0.61
C GLU A 162 36.69 -0.72 -2.07
N PRO A 163 37.65 -0.63 -3.01
CA PRO A 163 37.25 -0.57 -4.43
C PRO A 163 36.51 -1.82 -4.93
N GLN A 164 36.60 -2.93 -4.22
CA GLN A 164 35.99 -4.15 -4.72
C GLN A 164 34.48 -4.09 -4.70
N ILE A 165 33.92 -3.42 -3.70
CA ILE A 165 32.45 -3.28 -3.61
C ILE A 165 31.87 -2.51 -4.80
N TYR A 166 32.56 -1.47 -5.29
CA TYR A 166 32.15 -0.77 -6.52
C TYR A 166 32.21 -1.65 -7.77
N LYS A 167 33.23 -2.51 -7.86
CA LYS A 167 33.29 -3.47 -8.97
C LYS A 167 32.09 -4.38 -8.92
N PHE A 168 31.79 -4.88 -7.70
CA PHE A 168 30.58 -5.69 -7.44
C PHE A 168 29.34 -4.87 -7.77
N LEU A 169 29.33 -3.62 -7.33
CA LEU A 169 28.24 -2.73 -7.69
C LEU A 169 28.02 -2.69 -9.20
N LEU A 170 29.06 -2.29 -9.95
CA LEU A 170 29.01 -2.07 -11.41
C LEU A 170 28.53 -3.31 -12.10
N ASP A 171 28.98 -4.44 -11.57
CA ASP A 171 28.60 -5.74 -12.07
C ASP A 171 27.12 -6.09 -11.81
N THR A 172 26.62 -5.91 -10.58
CA THR A 172 25.19 -6.11 -10.28
C THR A 172 24.29 -5.24 -11.16
N LEU A 173 24.70 -3.99 -11.39
CA LEU A 173 23.94 -3.03 -12.23
C LEU A 173 23.99 -3.33 -13.74
N LYS A 174 24.96 -4.13 -14.16
CA LYS A 174 25.19 -4.42 -15.57
C LYS A 174 25.37 -3.10 -16.29
N ALA A 175 26.21 -2.25 -15.73
CA ALA A 175 26.42 -0.90 -16.26
C ALA A 175 27.89 -0.51 -16.19
N SER A 176 28.26 0.53 -16.93
CA SER A 176 29.66 0.98 -16.92
C SER A 176 29.82 2.22 -16.07
N PRO A 177 31.01 2.39 -15.47
CA PRO A 177 31.29 3.44 -14.49
C PRO A 177 30.58 4.77 -14.71
N SER A 178 30.36 5.17 -15.96
CA SER A 178 29.90 6.51 -16.25
C SER A 178 28.41 6.58 -16.69
N GLU A 179 27.70 5.46 -16.54
CA GLU A 179 26.24 5.46 -16.62
C GLU A 179 25.62 5.54 -15.22
N VAL A 180 26.47 5.50 -14.19
CA VAL A 180 26.03 5.53 -12.81
C VAL A 180 26.21 6.87 -12.07
N VAL A 181 25.14 7.29 -11.41
CA VAL A 181 25.21 8.32 -10.41
C VAL A 181 25.09 7.63 -9.04
N PHE A 182 26.01 7.97 -8.15
CA PHE A 182 26.05 7.42 -6.81
C PHE A 182 26.03 8.60 -5.81
N LEU A 183 25.01 8.64 -4.94
CA LEU A 183 24.92 9.71 -3.93
C LEU A 183 25.22 9.14 -2.54
N ASP A 184 26.13 9.79 -1.80
CA ASP A 184 26.55 9.31 -0.47
C ASP A 184 26.96 10.47 0.41
N ASP A 185 26.81 10.31 1.72
CA ASP A 185 27.09 11.44 2.61
C ASP A 185 28.56 11.54 3.06
N ILE A 186 29.35 10.49 2.78
CA ILE A 186 30.77 10.43 3.20
C ILE A 186 31.68 10.53 1.99
N GLY A 187 32.51 11.58 2.01
CA GLY A 187 33.39 11.94 0.88
C GLY A 187 34.25 10.78 0.47
N ALA A 188 34.90 10.16 1.45
CA ALA A 188 35.72 8.97 1.20
C ALA A 188 35.06 7.89 0.33
N ASN A 189 33.76 7.68 0.51
CA ASN A 189 33.00 6.65 -0.23
C ASN A 189 32.83 7.04 -1.67
N LEU A 190 32.85 8.35 -1.91
CA LEU A 190 32.75 8.84 -3.27
C LEU A 190 34.06 8.66 -4.04
N LYS A 191 35.17 8.88 -3.33
CA LYS A 191 36.53 8.79 -3.88
C LYS A 191 36.72 7.69 -4.92
N PRO A 192 36.48 6.40 -4.57
CA PRO A 192 36.65 5.38 -5.59
C PRO A 192 35.55 5.33 -6.62
N ALA A 193 34.38 5.87 -6.30
CA ALA A 193 33.34 5.86 -7.34
C ALA A 193 33.82 6.76 -8.46
N ARG A 194 34.30 7.94 -8.07
CA ARG A 194 34.85 8.92 -8.99
C ARG A 194 36.05 8.35 -9.82
N ASP A 195 37.07 7.76 -9.18
CA ASP A 195 38.17 7.06 -9.90
C ASP A 195 37.74 6.19 -11.09
N LEU A 196 36.64 5.44 -10.97
CA LEU A 196 36.15 4.62 -12.09
C LEU A 196 35.36 5.42 -13.12
N GLY A 197 34.96 6.63 -12.75
CA GLY A 197 34.32 7.57 -13.68
C GLY A 197 32.85 7.79 -13.43
N MET A 198 32.38 7.41 -12.25
CA MET A 198 30.99 7.64 -11.85
C MET A 198 30.74 9.11 -11.50
N VAL A 199 29.58 9.63 -11.91
CA VAL A 199 29.07 10.88 -11.41
C VAL A 199 28.78 10.56 -9.95
N THR A 200 29.18 11.44 -9.06
CA THR A 200 28.96 11.21 -7.64
C THR A 200 28.24 12.46 -7.15
N ILE A 201 27.69 12.39 -5.93
CA ILE A 201 27.12 13.55 -5.26
C ILE A 201 27.36 13.44 -3.75
N LEU A 202 28.09 14.40 -3.19
CA LEU A 202 28.27 14.44 -1.76
C LEU A 202 26.93 14.97 -1.23
N VAL A 203 26.25 14.15 -0.44
CA VAL A 203 24.94 14.51 0.07
C VAL A 203 25.11 15.18 1.41
N GLN A 204 24.93 16.51 1.43
CA GLN A 204 24.77 17.23 2.69
C GLN A 204 23.29 17.50 2.93
N ASP A 205 22.76 18.66 2.55
CA ASP A 205 21.30 18.85 2.66
C ASP A 205 20.70 18.16 1.45
N THR A 206 19.57 17.53 1.70
CA THR A 206 18.88 16.74 0.72
C THR A 206 18.61 17.53 -0.55
N ASP A 207 18.18 18.78 -0.39
CA ASP A 207 17.68 19.57 -1.53
C ASP A 207 18.71 19.93 -2.59
N THR A 208 19.96 20.15 -2.14
CA THR A 208 21.07 20.47 -3.03
C THR A 208 21.55 19.24 -3.79
N ALA A 209 21.70 18.15 -3.04
CA ALA A 209 21.92 16.84 -3.61
C ALA A 209 20.91 16.56 -4.74
N LEU A 210 19.63 16.81 -4.46
CA LEU A 210 18.59 16.59 -5.46
C LEU A 210 18.76 17.54 -6.64
N LYS A 211 19.21 18.78 -6.37
CA LYS A 211 19.44 19.77 -7.43
C LYS A 211 20.57 19.28 -8.38
N GLU A 212 21.67 18.81 -7.80
CA GLU A 212 22.77 18.24 -8.57
C GLU A 212 22.27 17.04 -9.37
N LEU A 213 21.45 16.19 -8.74
CA LEU A 213 20.94 14.98 -9.39
C LEU A 213 19.90 15.33 -10.44
N GLU A 214 19.23 16.46 -10.23
CA GLU A 214 18.30 16.98 -11.21
C GLU A 214 19.14 17.44 -12.38
N LYS A 215 20.12 18.28 -12.11
CA LYS A 215 20.98 18.84 -13.18
C LYS A 215 21.65 17.76 -13.96
N VAL A 216 22.13 16.72 -13.28
CA VAL A 216 22.90 15.74 -14.00
C VAL A 216 22.09 14.68 -14.76
N THR A 217 20.85 14.43 -14.38
CA THR A 217 20.08 13.39 -15.08
C THR A 217 19.16 14.00 -16.10
N GLY A 218 18.93 15.30 -15.93
CA GLY A 218 17.98 16.06 -16.75
C GLY A 218 16.56 15.58 -16.57
N ILE A 219 16.16 15.33 -15.33
CA ILE A 219 14.81 14.91 -14.98
C ILE A 219 14.36 15.71 -13.77
N GLN A 220 13.16 16.28 -13.79
CA GLN A 220 12.72 17.02 -12.60
C GLN A 220 12.40 16.14 -11.36
N LEU A 221 13.09 16.42 -10.24
CA LEU A 221 13.00 15.63 -9.01
C LEU A 221 12.57 16.44 -7.79
N LEU A 222 13.07 17.67 -7.73
CA LEU A 222 12.73 18.63 -6.70
C LEU A 222 11.46 19.34 -7.13
N ASN A 223 10.53 19.57 -6.21
CA ASN A 223 9.30 20.39 -6.50
C ASN A 223 8.35 19.79 -7.48
N THR A 224 8.57 18.53 -7.77
CA THR A 224 7.68 17.72 -8.58
C THR A 224 6.29 17.57 -7.93
N PRO A 225 5.21 17.35 -8.70
CA PRO A 225 3.90 17.18 -7.99
C PRO A 225 3.86 15.98 -7.03
N ALA A 226 2.93 15.96 -6.06
CA ALA A 226 2.80 14.85 -5.07
C ALA A 226 2.62 13.46 -5.76
N PRO A 227 3.43 12.46 -5.41
CA PRO A 227 3.23 11.24 -6.23
C PRO A 227 2.06 10.34 -5.75
N LEU A 228 1.53 9.47 -6.62
CA LEU A 228 0.57 8.48 -6.16
C LEU A 228 1.15 7.55 -5.04
N PRO A 229 0.28 7.00 -4.19
CA PRO A 229 0.73 5.95 -3.27
C PRO A 229 1.29 4.77 -4.05
N THR A 230 2.19 3.99 -3.46
CA THR A 230 2.66 2.73 -4.07
C THR A 230 1.49 1.83 -4.50
N SER A 231 1.63 1.21 -5.68
CA SER A 231 0.64 0.32 -6.28
C SER A 231 1.12 -1.15 -6.12
N CYS A 232 0.46 -2.11 -6.75
CA CYS A 232 0.85 -3.50 -6.57
C CYS A 232 1.09 -4.07 -7.89
N ASN A 233 2.17 -4.82 -8.06
CA ASN A 233 2.29 -5.60 -9.28
C ASN A 233 1.64 -6.98 -9.01
N PRO A 234 0.55 -7.31 -9.70
CA PRO A 234 -0.10 -8.61 -9.40
C PRO A 234 0.88 -9.76 -9.19
N SER A 235 1.89 -9.85 -10.03
CA SER A 235 2.76 -11.03 -10.03
C SER A 235 3.79 -11.00 -8.88
N ASP A 236 3.89 -9.90 -8.16
CA ASP A 236 4.70 -9.88 -6.95
C ASP A 236 3.87 -10.05 -5.68
N MET A 237 2.62 -10.46 -5.81
CA MET A 237 1.78 -10.54 -4.63
C MET A 237 1.67 -11.97 -4.14
N SER A 238 1.56 -12.15 -2.83
CA SER A 238 1.07 -13.42 -2.30
C SER A 238 -0.42 -13.55 -2.59
N HIS A 239 -0.75 -14.50 -3.46
CA HIS A 239 -2.11 -14.87 -3.82
C HIS A 239 -2.55 -16.11 -3.03
N GLY A 240 -3.75 -16.04 -2.43
CA GLY A 240 -4.36 -17.08 -1.59
C GLY A 240 -5.71 -17.58 -2.10
N TYR A 241 -6.04 -18.82 -1.73
CA TYR A 241 -7.21 -19.54 -2.26
C TYR A 241 -7.85 -20.36 -1.16
N VAL A 242 -9.17 -20.22 -1.00
CA VAL A 242 -9.89 -20.98 0.02
C VAL A 242 -11.16 -21.53 -0.61
N THR A 243 -11.35 -22.83 -0.51
CA THR A 243 -12.64 -23.42 -0.85
C THR A 243 -13.61 -23.25 0.33
N VAL A 244 -14.65 -22.45 0.10
CA VAL A 244 -15.66 -22.24 1.11
C VAL A 244 -16.72 -23.30 1.03
N LYS A 245 -16.78 -24.00 -0.11
CA LYS A 245 -17.70 -25.12 -0.29
C LYS A 245 -17.42 -25.77 -1.64
N PRO A 246 -17.92 -26.97 -1.85
CA PRO A 246 -17.45 -27.83 -2.93
C PRO A 246 -17.29 -27.18 -4.32
N ARG A 247 -18.23 -26.37 -4.77
CA ARG A 247 -18.00 -25.82 -6.10
C ARG A 247 -17.24 -24.48 -6.09
N VAL A 248 -17.08 -23.88 -4.91
CA VAL A 248 -16.77 -22.45 -4.78
C VAL A 248 -15.49 -22.10 -4.03
N ARG A 249 -14.53 -21.50 -4.72
CA ARG A 249 -13.31 -21.02 -4.12
C ARG A 249 -13.19 -19.47 -4.17
N LEU A 250 -12.68 -18.87 -3.10
CA LEU A 250 -12.37 -17.45 -3.06
C LEU A 250 -10.85 -17.23 -3.15
N HIS A 251 -10.49 -16.28 -3.98
CA HIS A 251 -9.11 -15.89 -4.20
C HIS A 251 -8.89 -14.55 -3.54
N PHE A 252 -7.73 -14.40 -2.92
CA PHE A 252 -7.42 -13.11 -2.34
C PHE A 252 -5.93 -12.82 -2.48
N VAL A 253 -5.56 -11.58 -2.24
CA VAL A 253 -4.20 -11.19 -2.28
C VAL A 253 -3.90 -10.71 -0.86
N GLU A 254 -2.70 -10.99 -0.39
CA GLU A 254 -2.41 -10.83 1.05
C GLU A 254 -1.09 -10.13 1.26
N LEU A 255 -1.13 -9.04 2.00
CA LEU A 255 0.11 -8.28 2.32
C LEU A 255 0.10 -7.69 3.73
N GLY A 256 1.23 -7.75 4.41
CA GLY A 256 1.39 -7.12 5.71
C GLY A 256 1.03 -8.02 6.87
N SER A 257 1.28 -7.56 8.09
CA SER A 257 0.87 -8.35 9.27
C SER A 257 0.38 -7.49 10.42
N GLY A 258 -0.35 -8.12 11.34
CA GLY A 258 -1.10 -7.37 12.36
C GLY A 258 -2.61 -7.67 12.25
N PRO A 259 -3.46 -6.74 12.74
CA PRO A 259 -4.89 -7.05 12.70
C PRO A 259 -5.36 -7.29 11.26
N ALA A 260 -6.22 -8.28 11.07
CA ALA A 260 -6.73 -8.62 9.74
C ALA A 260 -7.78 -7.62 9.21
N VAL A 261 -7.45 -7.01 8.09
CA VAL A 261 -8.35 -6.10 7.37
C VAL A 261 -8.72 -6.73 6.03
N CYS A 262 -10.01 -6.86 5.79
CA CYS A 262 -10.51 -7.56 4.63
C CYS A 262 -11.23 -6.61 3.66
N LEU A 263 -10.68 -6.49 2.44
CA LEU A 263 -11.10 -5.47 1.48
C LEU A 263 -12.09 -6.01 0.43
N CYS A 264 -13.28 -5.42 0.38
CA CYS A 264 -14.38 -5.96 -0.45
C CYS A 264 -14.82 -5.02 -1.57
N HIS A 265 -14.36 -5.35 -2.77
CA HIS A 265 -14.56 -4.48 -3.93
C HIS A 265 -16.03 -4.46 -4.46
N GLY A 266 -16.31 -3.54 -5.40
CA GLY A 266 -17.66 -3.37 -5.92
C GLY A 266 -17.83 -3.93 -7.32
N PHE A 267 -18.86 -3.45 -8.00
CA PHE A 267 -19.18 -3.89 -9.36
C PHE A 267 -18.73 -2.87 -10.39
N PRO A 268 -18.08 -3.31 -11.48
CA PRO A 268 -17.53 -4.61 -11.79
C PRO A 268 -16.03 -4.49 -11.63
N GLU A 269 -15.53 -4.98 -10.50
CA GLU A 269 -14.13 -4.73 -10.16
C GLU A 269 -13.35 -5.97 -9.79
N SER A 270 -12.49 -5.84 -8.79
CA SER A 270 -11.38 -6.78 -8.57
C SER A 270 -10.60 -6.41 -7.33
N TRP A 271 -9.81 -7.35 -6.83
CA TRP A 271 -8.93 -7.11 -5.73
C TRP A 271 -8.04 -5.96 -6.09
N TYR A 272 -7.71 -5.91 -7.38
CA TYR A 272 -6.92 -4.85 -7.97
C TYR A 272 -7.45 -3.43 -7.73
N SER A 273 -8.76 -3.28 -7.57
CA SER A 273 -9.32 -1.98 -7.24
C SER A 273 -8.77 -1.37 -5.95
N TRP A 274 -7.98 -2.15 -5.20
CA TRP A 274 -7.42 -1.69 -3.93
C TRP A 274 -5.90 -1.52 -4.05
N ARG A 275 -5.40 -1.54 -5.27
CA ARG A 275 -3.97 -1.43 -5.44
C ARG A 275 -3.28 -0.28 -4.67
N TYR A 276 -3.96 0.86 -4.48
CA TYR A 276 -3.31 1.95 -3.79
C TYR A 276 -3.50 1.81 -2.26
N GLN A 277 -4.44 0.97 -1.81
CA GLN A 277 -4.64 0.80 -0.35
C GLN A 277 -3.75 -0.29 0.23
N ILE A 278 -3.46 -1.31 -0.59
CA ILE A 278 -2.82 -2.52 -0.12
C ILE A 278 -1.46 -2.27 0.57
N PRO A 279 -0.51 -1.61 -0.13
CA PRO A 279 0.76 -1.27 0.58
C PRO A 279 0.58 -0.33 1.78
N ALA A 280 -0.05 0.83 1.57
CA ALA A 280 -0.39 1.80 2.65
C ALA A 280 -0.84 1.15 3.97
N LEU A 281 -1.81 0.24 3.92
CA LEU A 281 -2.29 -0.47 5.12
C LEU A 281 -1.27 -1.51 5.69
N ALA A 282 -0.63 -2.25 4.78
CA ALA A 282 0.45 -3.15 5.20
C ALA A 282 1.41 -2.26 5.97
N GLN A 283 1.91 -1.24 5.29
CA GLN A 283 2.80 -0.27 5.88
C GLN A 283 2.30 0.25 7.21
N ALA A 284 0.99 0.45 7.34
CA ALA A 284 0.45 1.06 8.56
C ALA A 284 0.28 0.06 9.72
N GLY A 285 0.67 -1.19 9.49
CA GLY A 285 0.68 -2.22 10.52
C GLY A 285 -0.47 -3.21 10.47
N TYR A 286 -1.05 -3.42 9.28
CA TYR A 286 -2.18 -4.32 9.14
C TYR A 286 -1.91 -5.52 8.24
N ARG A 287 -2.73 -6.56 8.42
CA ARG A 287 -2.77 -7.75 7.54
C ARG A 287 -3.86 -7.57 6.51
N VAL A 288 -3.53 -6.99 5.37
CA VAL A 288 -4.52 -6.75 4.33
C VAL A 288 -4.87 -8.04 3.59
N LEU A 289 -6.14 -8.41 3.64
CA LEU A 289 -6.67 -9.45 2.73
C LEU A 289 -7.64 -8.88 1.71
N ALA A 290 -7.14 -8.63 0.50
CA ALA A 290 -7.93 -8.03 -0.59
C ALA A 290 -8.64 -9.07 -1.45
N MET A 291 -9.95 -9.11 -1.34
CA MET A 291 -10.68 -10.16 -2.02
C MET A 291 -10.86 -9.90 -3.49
N ASP A 292 -10.90 -10.99 -4.25
CA ASP A 292 -11.74 -11.17 -5.44
C ASP A 292 -13.08 -11.71 -4.89
N MET A 293 -14.15 -10.95 -4.99
CA MET A 293 -15.45 -11.38 -4.43
C MET A 293 -16.04 -12.45 -5.32
N LYS A 294 -16.99 -13.21 -4.76
CA LYS A 294 -17.64 -14.28 -5.50
C LYS A 294 -18.13 -13.79 -6.87
N GLY A 295 -17.82 -14.55 -7.92
CA GLY A 295 -18.14 -14.13 -9.30
C GLY A 295 -17.02 -13.40 -10.04
N TYR A 296 -15.96 -12.97 -9.34
CA TYR A 296 -14.93 -12.19 -10.02
C TYR A 296 -13.56 -12.86 -10.04
N GLY A 297 -12.78 -12.47 -11.05
CA GLY A 297 -11.36 -12.75 -11.10
C GLY A 297 -11.17 -14.23 -10.94
N GLU A 298 -10.23 -14.57 -10.07
CA GLU A 298 -9.90 -15.96 -9.82
C GLU A 298 -10.78 -16.62 -8.76
N SER A 299 -11.86 -15.96 -8.36
CA SER A 299 -12.85 -16.59 -7.48
C SER A 299 -13.89 -17.31 -8.31
N SER A 300 -14.55 -18.32 -7.76
CA SER A 300 -15.52 -19.08 -8.53
C SER A 300 -16.70 -18.22 -8.95
N ALA A 301 -17.35 -18.61 -10.04
CA ALA A 301 -18.47 -17.86 -10.62
C ALA A 301 -19.57 -18.82 -11.05
N PRO A 302 -20.22 -19.45 -10.06
CA PRO A 302 -21.27 -20.37 -10.39
C PRO A 302 -22.37 -19.62 -11.05
N PRO A 303 -23.07 -20.27 -11.98
CA PRO A 303 -24.03 -19.51 -12.78
C PRO A 303 -25.33 -19.16 -12.10
N GLU A 304 -25.74 -19.86 -11.05
CA GLU A 304 -27.11 -19.67 -10.52
C GLU A 304 -27.21 -18.31 -9.87
N ILE A 305 -28.37 -17.66 -9.97
CA ILE A 305 -28.59 -16.32 -9.40
C ILE A 305 -28.48 -16.29 -7.88
N GLU A 306 -28.99 -17.31 -7.20
CA GLU A 306 -29.15 -17.25 -5.74
C GLU A 306 -27.84 -17.51 -5.03
N GLU A 307 -26.89 -18.12 -5.74
CA GLU A 307 -25.51 -18.22 -5.28
C GLU A 307 -24.97 -16.83 -4.97
N TYR A 308 -25.69 -15.79 -5.39
CA TYR A 308 -25.23 -14.41 -5.16
C TYR A 308 -26.14 -13.54 -4.28
N CYS A 309 -27.07 -14.12 -3.55
CA CYS A 309 -27.84 -13.30 -2.62
C CYS A 309 -26.96 -12.99 -1.41
N MET A 310 -27.28 -11.93 -0.67
CA MET A 310 -26.41 -11.40 0.38
C MET A 310 -26.17 -12.46 1.48
N GLU A 311 -27.24 -13.09 1.92
CA GLU A 311 -27.13 -14.17 2.88
C GLU A 311 -26.03 -15.22 2.53
N VAL A 312 -26.07 -15.75 1.31
CA VAL A 312 -25.11 -16.78 0.90
C VAL A 312 -23.73 -16.16 0.77
N LEU A 313 -23.66 -15.01 0.14
CA LEU A 313 -22.42 -14.28 0.10
C LEU A 313 -21.83 -14.08 1.51
N CYS A 314 -22.63 -13.68 2.50
CA CYS A 314 -22.10 -13.49 3.85
C CYS A 314 -21.67 -14.78 4.50
N LYS A 315 -22.51 -15.81 4.44
CA LYS A 315 -22.21 -17.11 5.04
C LYS A 315 -20.88 -17.50 4.47
N GLU A 316 -20.69 -17.21 3.19
CA GLU A 316 -19.45 -17.62 2.57
C GLU A 316 -18.21 -16.87 3.04
N MET A 317 -18.38 -15.58 3.38
CA MET A 317 -17.28 -14.79 3.94
C MET A 317 -16.91 -15.27 5.34
N VAL A 318 -17.93 -15.71 6.10
CA VAL A 318 -17.72 -16.34 7.39
C VAL A 318 -16.90 -17.62 7.27
N THR A 319 -17.33 -18.54 6.40
CA THR A 319 -16.52 -19.74 6.14
C THR A 319 -15.10 -19.35 5.76
N PHE A 320 -14.92 -18.21 5.08
CA PHE A 320 -13.60 -17.75 4.64
C PHE A 320 -12.75 -17.46 5.88
N LEU A 321 -13.31 -16.70 6.81
CA LEU A 321 -12.65 -16.51 8.07
C LEU A 321 -12.37 -17.86 8.79
N ASP A 322 -13.39 -18.72 8.82
CA ASP A 322 -13.28 -19.98 9.57
C ASP A 322 -12.05 -20.79 9.09
N LYS A 323 -11.94 -20.98 7.78
CA LYS A 323 -10.92 -21.87 7.23
C LYS A 323 -9.51 -21.26 7.22
N LEU A 324 -9.46 -19.94 7.43
CA LEU A 324 -8.23 -19.20 7.37
C LEU A 324 -7.81 -19.01 8.79
N GLY A 325 -8.72 -19.42 9.68
CA GLY A 325 -8.51 -19.39 11.12
C GLY A 325 -8.64 -18.02 11.77
N LEU A 326 -9.44 -17.11 11.18
CA LEU A 326 -9.58 -15.76 11.73
C LEU A 326 -10.83 -15.67 12.57
N SER A 327 -10.72 -15.24 13.79
CA SER A 327 -11.93 -15.12 14.59
C SER A 327 -12.71 -13.83 14.24
N GLN A 328 -11.97 -12.76 13.92
CA GLN A 328 -12.51 -11.50 13.36
C GLN A 328 -11.66 -10.97 12.21
N ALA A 329 -12.24 -10.02 11.47
CA ALA A 329 -11.46 -9.15 10.63
C ALA A 329 -12.20 -7.85 10.59
N VAL A 330 -11.46 -6.80 10.25
CA VAL A 330 -12.02 -5.52 9.92
C VAL A 330 -12.55 -5.68 8.50
N PHE A 331 -13.81 -5.32 8.25
CA PHE A 331 -14.35 -5.34 6.89
C PHE A 331 -14.50 -3.94 6.30
N ILE A 332 -13.82 -3.71 5.19
CA ILE A 332 -13.88 -2.46 4.45
C ILE A 332 -14.40 -2.77 3.03
N GLY A 333 -15.56 -2.23 2.67
CA GLY A 333 -16.12 -2.48 1.37
C GLY A 333 -16.47 -1.20 0.64
N HIS A 334 -16.66 -1.31 -0.69
CA HIS A 334 -17.04 -0.17 -1.56
C HIS A 334 -18.04 -0.67 -2.59
N ASP A 335 -19.03 0.17 -2.91
CA ASP A 335 -20.06 -0.22 -3.87
C ASP A 335 -20.76 -1.47 -3.33
N TRP A 336 -20.93 -2.50 -4.16
CA TRP A 336 -21.57 -3.72 -3.66
C TRP A 336 -20.88 -4.30 -2.44
N GLY A 337 -19.54 -4.26 -2.40
CA GLY A 337 -18.77 -4.69 -1.23
C GLY A 337 -19.14 -3.89 -0.01
N GLY A 338 -19.51 -2.63 -0.23
CA GLY A 338 -20.04 -1.83 0.87
C GLY A 338 -21.35 -2.37 1.45
N MET A 339 -22.29 -2.81 0.60
CA MET A 339 -23.56 -3.37 1.05
C MET A 339 -23.28 -4.59 1.93
N LEU A 340 -22.33 -5.40 1.46
CA LEU A 340 -21.99 -6.65 2.08
C LEU A 340 -21.37 -6.49 3.48
N VAL A 341 -20.35 -5.65 3.60
CA VAL A 341 -19.84 -5.36 4.96
C VAL A 341 -20.89 -4.84 5.97
N TRP A 342 -21.82 -3.98 5.54
CA TRP A 342 -22.90 -3.61 6.45
C TRP A 342 -23.69 -4.84 6.84
N TYR A 343 -24.04 -5.70 5.88
CA TYR A 343 -24.78 -6.91 6.27
C TYR A 343 -23.98 -7.87 7.17
N MET A 344 -22.66 -7.81 7.05
CA MET A 344 -21.76 -8.57 7.91
C MET A 344 -21.81 -8.04 9.32
N ALA A 345 -21.80 -6.72 9.45
CA ALA A 345 -21.91 -6.17 10.79
C ALA A 345 -23.24 -6.55 11.44
N LEU A 346 -24.29 -6.68 10.62
CA LEU A 346 -25.64 -6.95 11.11
C LEU A 346 -25.92 -8.41 11.46
N PHE A 347 -25.26 -9.35 10.80
CA PHE A 347 -25.64 -10.73 10.97
C PHE A 347 -24.53 -11.55 11.58
N TYR A 348 -23.31 -10.98 11.58
CA TYR A 348 -22.11 -11.57 12.20
C TYR A 348 -21.18 -10.58 12.97
N PRO A 349 -21.75 -9.75 13.88
CA PRO A 349 -20.89 -8.77 14.54
C PRO A 349 -19.73 -9.42 15.33
N GLU A 350 -19.92 -10.64 15.84
CA GLU A 350 -18.81 -11.32 16.57
C GLU A 350 -17.58 -11.54 15.68
N ARG A 351 -17.77 -11.48 14.37
CA ARG A 351 -16.72 -11.79 13.38
C ARG A 351 -16.16 -10.53 12.75
N VAL A 352 -16.84 -9.42 12.96
CA VAL A 352 -16.39 -8.12 12.48
C VAL A 352 -15.76 -7.25 13.58
N ARG A 353 -14.43 -7.12 13.55
CA ARG A 353 -13.70 -6.23 14.46
C ARG A 353 -14.16 -4.78 14.26
N ALA A 354 -14.36 -4.37 13.01
CA ALA A 354 -14.95 -3.09 12.67
C ALA A 354 -15.40 -3.08 11.19
N VAL A 355 -16.25 -2.13 10.84
CA VAL A 355 -16.82 -2.12 9.50
C VAL A 355 -16.66 -0.72 8.94
N ALA A 356 -16.38 -0.65 7.64
CA ALA A 356 -16.34 0.61 6.93
C ALA A 356 -16.73 0.43 5.46
N SER A 357 -17.45 1.42 4.96
CA SER A 357 -17.90 1.45 3.59
C SER A 357 -17.43 2.77 2.94
N LEU A 358 -16.98 2.65 1.69
CA LEU A 358 -16.77 3.75 0.76
C LEU A 358 -18.00 3.86 -0.08
N ASN A 359 -18.67 5.02 -0.03
CA ASN A 359 -19.82 5.38 -0.90
C ASN A 359 -21.18 4.76 -0.56
N THR A 360 -21.20 3.50 -0.17
CA THR A 360 -22.44 2.74 0.02
C THR A 360 -23.03 3.01 1.39
N PRO A 361 -24.17 3.72 1.44
CA PRO A 361 -24.82 4.03 2.71
C PRO A 361 -25.45 2.78 3.31
N PHE A 362 -25.72 2.76 4.61
CA PHE A 362 -26.57 1.72 5.14
C PHE A 362 -27.98 2.28 5.22
N ILE A 363 -28.84 1.80 4.32
CA ILE A 363 -30.27 2.12 4.35
C ILE A 363 -31.03 0.84 4.67
N PRO A 364 -31.83 0.87 5.72
CA PRO A 364 -32.54 -0.34 6.14
C PRO A 364 -33.65 -0.60 5.16
N ALA A 365 -34.03 -1.86 4.98
CA ALA A 365 -35.05 -2.23 4.01
C ALA A 365 -36.39 -1.61 4.40
N ASN A 366 -37.22 -1.32 3.38
CA ASN A 366 -38.58 -0.85 3.65
C ASN A 366 -39.52 -2.02 3.73
N PRO A 367 -39.99 -2.37 4.93
CA PRO A 367 -40.76 -3.61 4.97
C PRO A 367 -42.14 -3.49 4.31
N ASN A 368 -42.56 -2.26 3.98
CA ASN A 368 -43.83 -2.04 3.30
C ASN A 368 -43.67 -1.61 1.86
N MET A 369 -42.67 -2.12 1.17
CA MET A 369 -42.50 -1.72 -0.21
C MET A 369 -41.50 -2.62 -0.89
N SER A 370 -42.02 -3.33 -1.87
CA SER A 370 -41.25 -4.27 -2.65
C SER A 370 -40.11 -3.48 -3.26
N PRO A 371 -38.89 -4.01 -3.11
CA PRO A 371 -37.63 -3.35 -3.45
C PRO A 371 -37.51 -2.97 -4.94
N LEU A 372 -38.11 -3.76 -5.81
CA LEU A 372 -38.25 -3.42 -7.23
C LEU A 372 -39.07 -2.13 -7.41
N GLU A 373 -40.15 -1.99 -6.66
CA GLU A 373 -40.96 -0.78 -6.65
C GLU A 373 -40.14 0.40 -6.10
N SER A 374 -39.39 0.13 -5.03
CA SER A 374 -38.52 1.13 -4.41
C SER A 374 -37.51 1.68 -5.40
N ILE A 375 -37.00 0.82 -6.28
CA ILE A 375 -35.94 1.22 -7.22
C ILE A 375 -36.41 2.03 -8.43
N LYS A 376 -37.66 1.81 -8.86
CA LYS A 376 -38.32 2.68 -9.86
C LYS A 376 -38.54 4.11 -9.34
N ALA A 377 -38.67 4.26 -8.02
CA ALA A 377 -38.83 5.56 -7.35
C ALA A 377 -37.63 6.52 -7.52
N ASN A 378 -36.47 6.00 -7.90
CA ASN A 378 -35.26 6.81 -8.06
C ASN A 378 -34.63 6.63 -9.46
N PRO A 379 -34.87 7.60 -10.35
CA PRO A 379 -34.40 7.53 -11.75
C PRO A 379 -32.90 7.23 -11.89
N VAL A 380 -32.12 7.59 -10.87
CA VAL A 380 -30.67 7.43 -10.90
C VAL A 380 -30.29 5.95 -10.85
N PHE A 381 -31.25 5.15 -10.38
CA PHE A 381 -31.13 3.70 -10.27
C PHE A 381 -31.73 2.92 -11.44
N ASP A 382 -32.10 3.59 -12.54
CA ASP A 382 -32.74 2.87 -13.68
C ASP A 382 -31.86 1.72 -14.27
N TYR A 383 -30.53 1.91 -14.25
CA TYR A 383 -29.62 0.91 -14.77
C TYR A 383 -29.75 -0.46 -14.04
N GLN A 384 -30.12 -0.44 -12.76
CA GLN A 384 -30.33 -1.69 -12.03
C GLN A 384 -31.44 -2.54 -12.65
N LEU A 385 -32.49 -1.88 -13.15
CA LEU A 385 -33.55 -2.60 -13.87
C LEU A 385 -33.03 -3.19 -15.17
N TYR A 386 -32.25 -2.39 -15.91
CA TYR A 386 -31.54 -2.91 -17.08
C TYR A 386 -30.86 -4.24 -16.76
N PHE A 387 -30.39 -4.40 -15.53
CA PHE A 387 -29.52 -5.54 -15.17
C PHE A 387 -30.30 -6.82 -14.84
N GLN A 388 -31.62 -6.67 -14.70
CA GLN A 388 -32.46 -7.78 -14.22
C GLN A 388 -32.52 -9.02 -15.12
N GLU A 389 -32.62 -8.79 -16.42
CA GLU A 389 -32.94 -9.83 -17.39
C GLU A 389 -31.66 -10.59 -17.71
N PRO A 390 -31.52 -11.82 -17.19
CA PRO A 390 -30.27 -12.54 -17.39
C PRO A 390 -29.91 -12.55 -18.87
N GLY A 391 -28.70 -12.09 -19.20
CA GLY A 391 -28.22 -12.08 -20.58
C GLY A 391 -28.12 -10.72 -21.27
N VAL A 392 -29.14 -9.90 -21.09
CA VAL A 392 -29.11 -8.59 -21.74
C VAL A 392 -27.80 -7.86 -21.38
N ALA A 393 -27.65 -7.46 -20.11
CA ALA A 393 -26.45 -6.69 -19.72
C ALA A 393 -25.16 -7.43 -19.99
N GLU A 394 -25.18 -8.75 -19.88
CA GLU A 394 -23.96 -9.51 -20.13
C GLU A 394 -23.46 -9.27 -21.55
N ALA A 395 -24.38 -9.18 -22.50
CA ALA A 395 -23.96 -9.18 -23.90
C ALA A 395 -23.33 -7.84 -24.21
N GLU A 396 -23.96 -6.76 -23.76
CA GLU A 396 -23.38 -5.44 -23.91
C GLU A 396 -22.00 -5.36 -23.24
N LEU A 397 -21.92 -5.74 -21.98
CA LEU A 397 -20.68 -5.63 -21.24
C LEU A 397 -19.54 -6.50 -21.75
N GLU A 398 -19.83 -7.76 -22.12
CA GLU A 398 -18.79 -8.68 -22.59
C GLU A 398 -18.42 -8.44 -24.05
N GLN A 399 -19.07 -7.52 -24.73
CA GLN A 399 -18.85 -7.42 -26.14
C GLN A 399 -17.48 -6.80 -26.45
N ASN A 400 -17.17 -5.69 -25.81
CA ASN A 400 -15.82 -5.09 -25.86
C ASN A 400 -15.33 -4.82 -24.41
N LEU A 401 -14.37 -5.61 -23.92
CA LEU A 401 -13.96 -5.45 -22.51
C LEU A 401 -13.18 -4.17 -22.26
N SER A 402 -12.17 -3.95 -23.07
CA SER A 402 -11.47 -2.66 -23.09
C SER A 402 -12.45 -1.46 -23.10
N ARG A 403 -13.41 -1.50 -24.03
CA ARG A 403 -14.39 -0.45 -24.13
C ARG A 403 -15.09 -0.23 -22.82
N THR A 404 -15.60 -1.32 -22.24
CA THR A 404 -16.35 -1.27 -20.99
C THR A 404 -15.67 -0.58 -19.81
N PHE A 405 -14.46 -1.01 -19.47
CA PHE A 405 -13.78 -0.45 -18.33
C PHE A 405 -13.30 0.94 -18.62
N LYS A 406 -12.78 1.17 -19.83
CA LYS A 406 -12.42 2.53 -20.20
C LYS A 406 -13.65 3.45 -20.12
N SER A 407 -14.83 2.94 -20.45
CA SER A 407 -16.05 3.72 -20.24
C SER A 407 -16.46 3.94 -18.75
N LEU A 408 -16.39 2.90 -17.93
CA LEU A 408 -16.83 2.99 -16.55
C LEU A 408 -15.82 3.75 -15.69
N PHE A 409 -14.55 3.36 -15.82
CA PHE A 409 -13.49 3.82 -14.93
C PHE A 409 -13.08 5.23 -15.35
N ARG A 410 -13.93 6.20 -15.02
CA ARG A 410 -13.64 7.59 -15.39
C ARG A 410 -13.82 8.42 -14.13
N ALA A 411 -13.04 9.49 -14.00
CA ALA A 411 -13.21 10.55 -12.97
C ALA A 411 -14.46 11.38 -13.26
N SER A 412 -14.92 12.16 -12.28
CA SER A 412 -16.25 12.78 -12.38
C SER A 412 -16.39 13.69 -13.61
N ASP A 413 -15.40 14.55 -13.80
CA ASP A 413 -15.39 15.51 -14.90
C ASP A 413 -15.07 14.91 -16.29
N GLU A 414 -15.05 13.58 -16.38
CA GLU A 414 -14.53 12.90 -17.56
C GLU A 414 -15.57 11.95 -18.10
N SER A 415 -16.77 12.04 -17.55
CA SER A 415 -17.82 11.04 -17.77
C SER A 415 -18.17 10.90 -19.25
N VAL A 416 -18.58 9.71 -19.67
CA VAL A 416 -19.05 9.49 -21.05
C VAL A 416 -20.38 8.74 -21.09
N LEU A 417 -20.99 8.56 -19.92
CA LEU A 417 -22.23 7.82 -19.79
C LEU A 417 -23.03 8.31 -18.58
N SER A 418 -24.32 8.50 -18.80
CA SER A 418 -25.26 8.71 -17.72
C SER A 418 -25.92 7.37 -17.39
N MET A 419 -26.39 7.22 -16.15
CA MET A 419 -27.12 6.01 -15.74
C MET A 419 -28.64 6.24 -15.88
N HIS A 420 -28.93 7.21 -16.73
CA HIS A 420 -30.24 7.84 -16.93
C HIS A 420 -30.96 7.17 -18.11
N LYS A 421 -32.23 6.84 -17.89
CA LYS A 421 -33.05 6.21 -18.93
C LYS A 421 -32.30 5.11 -19.73
N VAL A 422 -31.47 4.33 -19.02
CA VAL A 422 -30.72 3.20 -19.61
C VAL A 422 -31.63 2.14 -20.23
N CYS A 423 -32.72 1.81 -19.55
CA CYS A 423 -33.74 0.92 -20.11
C CYS A 423 -34.31 1.46 -21.43
N GLU A 424 -34.84 2.68 -21.38
CA GLU A 424 -35.35 3.39 -22.56
C GLU A 424 -34.38 3.30 -23.76
N ALA A 425 -33.19 3.87 -23.56
CA ALA A 425 -32.05 3.84 -24.51
C ALA A 425 -31.66 2.44 -25.00
N GLY A 426 -32.06 1.40 -24.26
CA GLY A 426 -31.66 0.03 -24.57
C GLY A 426 -30.20 -0.33 -24.30
N GLY A 427 -29.54 0.33 -23.35
CA GLY A 427 -28.15 -0.03 -23.01
C GLY A 427 -27.32 1.01 -22.30
N LEU A 428 -26.20 0.57 -21.78
CA LEU A 428 -25.36 1.43 -20.95
C LEU A 428 -24.48 2.31 -21.78
N PHE A 429 -24.10 1.82 -22.96
CA PHE A 429 -23.15 2.50 -23.84
C PHE A 429 -23.76 2.91 -25.18
N VAL A 430 -25.10 2.89 -25.29
CA VAL A 430 -25.74 3.30 -26.54
C VAL A 430 -25.23 4.66 -27.03
N ASN A 431 -25.02 5.59 -26.10
CA ASN A 431 -24.60 6.92 -26.50
C ASN A 431 -23.21 7.30 -25.99
N SER A 432 -22.27 6.37 -26.18
CA SER A 432 -20.86 6.53 -25.74
C SER A 432 -19.88 5.85 -26.73
N PRO A 433 -18.60 6.29 -26.76
CA PRO A 433 -17.72 5.94 -27.91
C PRO A 433 -17.33 4.47 -28.08
N GLU A 434 -16.87 4.13 -29.28
CA GLU A 434 -16.34 2.80 -29.54
C GLU A 434 -15.04 2.67 -28.82
N GLU A 435 -14.13 3.60 -29.08
CA GLU A 435 -12.81 3.62 -28.42
C GLU A 435 -12.71 4.84 -27.50
N PRO A 436 -13.09 4.72 -26.20
CA PRO A 436 -12.99 5.89 -25.33
C PRO A 436 -11.57 6.30 -25.09
N SER A 437 -11.37 7.59 -24.84
CA SER A 437 -10.09 8.04 -24.35
C SER A 437 -9.83 7.42 -22.98
N LEU A 438 -8.55 7.13 -22.72
CA LEU A 438 -8.05 6.72 -21.44
C LEU A 438 -8.21 7.86 -20.45
N SER A 439 -9.02 7.65 -19.42
CA SER A 439 -9.12 8.51 -18.24
C SER A 439 -7.77 8.79 -17.60
N ARG A 440 -7.66 9.92 -16.87
CA ARG A 440 -6.42 10.25 -16.15
C ARG A 440 -6.22 9.42 -14.89
N MET A 441 -7.21 8.60 -14.55
CA MET A 441 -7.14 7.76 -13.36
C MET A 441 -6.43 6.44 -13.56
N VAL A 442 -6.33 5.96 -14.81
CA VAL A 442 -5.83 4.61 -15.07
C VAL A 442 -4.87 4.55 -16.25
N THR A 443 -3.85 3.71 -16.19
CA THR A 443 -3.02 3.53 -17.37
C THR A 443 -3.61 2.49 -18.31
N GLU A 444 -3.11 2.47 -19.56
CA GLU A 444 -3.49 1.40 -20.47
C GLU A 444 -3.36 -0.01 -19.84
N GLU A 445 -2.21 -0.27 -19.18
CA GLU A 445 -1.90 -1.59 -18.57
C GLU A 445 -2.90 -1.95 -17.50
N GLU A 446 -3.22 -0.98 -16.64
CA GLU A 446 -4.26 -1.17 -15.62
C GLU A 446 -5.64 -1.60 -16.21
N ILE A 447 -6.04 -1.01 -17.34
CA ILE A 447 -7.28 -1.41 -18.01
C ILE A 447 -7.17 -2.87 -18.49
N GLN A 448 -6.03 -3.21 -19.10
CA GLN A 448 -5.84 -4.59 -19.55
C GLN A 448 -5.91 -5.61 -18.42
N PHE A 449 -5.39 -5.28 -17.23
CA PHE A 449 -5.51 -6.21 -16.12
C PHE A 449 -6.99 -6.61 -15.93
N TYR A 450 -7.87 -5.60 -15.78
CA TYR A 450 -9.28 -5.88 -15.55
C TYR A 450 -9.85 -6.68 -16.71
N VAL A 451 -9.43 -6.27 -17.92
CA VAL A 451 -9.84 -6.97 -19.12
C VAL A 451 -9.48 -8.45 -19.03
N GLN A 452 -8.27 -8.76 -18.57
CA GLN A 452 -7.85 -10.15 -18.61
C GLN A 452 -8.58 -10.91 -17.49
N GLN A 453 -8.94 -10.23 -16.43
CA GLN A 453 -9.70 -10.88 -15.38
C GLN A 453 -11.08 -11.29 -15.87
N PHE A 454 -11.77 -10.38 -16.51
CA PHE A 454 -13.15 -10.67 -16.78
C PHE A 454 -13.28 -11.66 -17.90
N LYS A 455 -12.17 -11.90 -18.59
CA LYS A 455 -12.12 -12.92 -19.60
C LYS A 455 -12.36 -14.28 -18.98
N LYS A 456 -12.01 -14.46 -17.71
CA LYS A 456 -12.25 -15.75 -17.05
C LYS A 456 -13.74 -16.02 -16.96
N SER A 457 -14.51 -15.19 -16.27
CA SER A 457 -15.95 -15.51 -16.15
C SER A 457 -16.96 -14.53 -16.77
N GLY A 458 -16.52 -13.39 -17.27
CA GLY A 458 -17.47 -12.40 -17.72
C GLY A 458 -18.35 -11.86 -16.59
N PHE A 459 -19.58 -11.51 -16.96
CA PHE A 459 -20.38 -10.63 -16.15
C PHE A 459 -21.61 -11.29 -15.54
N ARG A 460 -21.89 -12.56 -15.89
CA ARG A 460 -23.04 -13.27 -15.29
C ARG A 460 -22.99 -13.19 -13.77
N GLY A 461 -21.86 -13.63 -13.19
CA GLY A 461 -21.67 -13.65 -11.75
C GLY A 461 -21.75 -12.30 -11.07
N PRO A 462 -20.92 -11.33 -11.51
CA PRO A 462 -21.07 -9.95 -11.02
C PRO A 462 -22.51 -9.41 -11.15
N LEU A 463 -23.10 -9.51 -12.35
CA LEU A 463 -24.50 -9.07 -12.58
C LEU A 463 -25.50 -9.77 -11.68
N ASN A 464 -25.23 -11.02 -11.33
CA ASN A 464 -26.15 -11.69 -10.42
C ASN A 464 -26.28 -11.01 -9.09
N TRP A 465 -25.28 -10.23 -8.67
CA TRP A 465 -25.38 -9.55 -7.38
C TRP A 465 -26.61 -8.63 -7.35
N TYR A 466 -27.06 -8.19 -8.53
CA TYR A 466 -28.21 -7.31 -8.65
C TYR A 466 -29.53 -8.04 -8.80
N ARG A 467 -29.48 -9.36 -8.81
CA ARG A 467 -30.61 -10.15 -9.26
C ARG A 467 -31.26 -10.90 -8.10
N ASN A 468 -31.03 -10.39 -6.89
CA ASN A 468 -31.69 -10.94 -5.69
C ASN A 468 -32.40 -9.86 -4.87
N MET A 469 -32.98 -8.83 -5.51
CA MET A 469 -33.65 -7.73 -4.78
C MET A 469 -34.66 -8.30 -3.76
N GLU A 470 -35.59 -9.16 -4.21
CA GLU A 470 -36.60 -9.78 -3.32
C GLU A 470 -36.02 -10.65 -2.16
N ARG A 471 -35.03 -11.49 -2.50
CA ARG A 471 -34.47 -12.43 -1.52
C ARG A 471 -33.71 -11.64 -0.44
N ASN A 472 -32.93 -10.66 -0.89
CA ASN A 472 -32.16 -9.83 0.00
C ASN A 472 -32.98 -8.97 0.92
N TRP A 473 -34.16 -8.54 0.43
CA TRP A 473 -35.12 -7.69 1.12
C TRP A 473 -35.71 -8.48 2.28
N LYS A 474 -36.22 -9.67 1.95
CA LYS A 474 -36.80 -10.56 2.94
C LYS A 474 -35.81 -10.75 4.06
N TRP A 475 -34.54 -10.99 3.72
CA TRP A 475 -33.48 -11.31 4.69
C TRP A 475 -33.14 -10.09 5.56
N ALA A 476 -32.89 -8.98 4.89
CA ALA A 476 -32.67 -7.70 5.54
C ALA A 476 -33.76 -7.41 6.58
N CYS A 477 -35.03 -7.66 6.26
CA CYS A 477 -36.16 -7.38 7.18
C CYS A 477 -36.04 -8.08 8.57
N LYS A 478 -35.37 -9.22 8.59
CA LYS A 478 -35.11 -9.94 9.83
C LYS A 478 -34.20 -9.12 10.75
N SER A 479 -33.53 -8.11 10.22
CA SER A 479 -32.58 -7.31 10.97
C SER A 479 -33.06 -5.88 11.32
N LEU A 480 -34.33 -5.59 11.04
CA LEU A 480 -34.87 -4.24 11.30
C LEU A 480 -34.89 -3.85 12.75
N GLY A 481 -34.96 -4.84 13.64
CA GLY A 481 -34.86 -4.61 15.07
C GLY A 481 -33.49 -4.19 15.60
N ARG A 482 -32.41 -4.52 14.87
CA ARG A 482 -31.05 -4.34 15.38
C ARG A 482 -30.48 -2.93 15.21
N LYS A 483 -29.32 -2.70 15.82
CA LYS A 483 -28.53 -1.54 15.48
C LYS A 483 -27.12 -2.01 15.35
N ILE A 484 -26.32 -1.23 14.62
CA ILE A 484 -24.90 -1.50 14.49
C ILE A 484 -24.18 -0.71 15.59
N LEU A 485 -23.58 -1.44 16.52
CA LEU A 485 -22.96 -0.83 17.68
C LEU A 485 -21.47 -1.09 17.71
N ILE A 486 -20.97 -1.78 16.69
CA ILE A 486 -19.54 -2.00 16.58
C ILE A 486 -18.90 -0.79 15.89
N PRO A 487 -17.59 -0.60 16.05
CA PRO A 487 -17.05 0.60 15.36
C PRO A 487 -17.33 0.60 13.82
N ALA A 488 -17.71 1.76 13.29
CA ALA A 488 -18.20 1.90 11.91
C ALA A 488 -17.91 3.27 11.29
N LEU A 489 -17.33 3.24 10.11
CA LEU A 489 -16.91 4.45 9.43
C LEU A 489 -17.68 4.46 8.12
N MET A 490 -18.21 5.63 7.78
CA MET A 490 -18.82 5.82 6.49
C MET A 490 -18.01 6.89 5.78
N VAL A 491 -17.68 6.63 4.50
CA VAL A 491 -16.96 7.61 3.68
C VAL A 491 -17.76 7.92 2.41
N THR A 492 -18.18 9.18 2.32
CA THR A 492 -18.90 9.67 1.17
C THR A 492 -17.95 10.32 0.17
N ALA A 493 -18.36 10.31 -1.10
CA ALA A 493 -17.62 10.89 -2.22
C ALA A 493 -18.42 12.03 -2.86
N GLU A 494 -17.95 13.28 -2.71
CA GLU A 494 -18.76 14.43 -3.15
C GLU A 494 -19.43 14.20 -4.51
N LYS A 495 -18.68 13.69 -5.49
CA LYS A 495 -19.13 13.63 -6.88
C LYS A 495 -19.50 12.25 -7.40
N ASP A 496 -19.87 11.37 -6.48
CA ASP A 496 -20.56 10.15 -6.87
C ASP A 496 -22.04 10.49 -7.16
N PHE A 497 -22.39 10.44 -8.44
CA PHE A 497 -23.71 10.83 -8.90
C PHE A 497 -24.75 9.72 -8.73
N VAL A 498 -24.31 8.53 -8.33
CA VAL A 498 -25.18 7.38 -8.10
C VAL A 498 -25.37 7.09 -6.61
N LEU A 499 -24.26 6.89 -5.90
CA LEU A 499 -24.33 6.69 -4.46
C LEU A 499 -24.04 8.06 -3.83
N VAL A 500 -25.01 8.97 -3.89
CA VAL A 500 -24.76 10.38 -3.50
C VAL A 500 -24.67 10.54 -1.96
N PRO A 501 -23.80 11.45 -1.46
CA PRO A 501 -23.58 11.62 -0.03
C PRO A 501 -24.85 11.75 0.83
N GLN A 502 -25.87 12.40 0.29
CA GLN A 502 -27.11 12.63 1.06
C GLN A 502 -27.91 11.33 1.33
N MET A 503 -27.79 10.32 0.46
CA MET A 503 -28.34 8.97 0.77
C MET A 503 -27.92 8.46 2.14
N SER A 504 -26.76 8.90 2.63
CA SER A 504 -26.23 8.47 3.92
C SER A 504 -26.77 9.28 5.14
N GLN A 505 -27.58 10.29 4.87
CA GLN A 505 -27.94 11.24 5.92
C GLN A 505 -28.53 10.68 7.21
N HIS A 506 -29.35 9.65 7.14
CA HIS A 506 -29.97 9.20 8.38
C HIS A 506 -29.30 8.01 9.01
N MET A 507 -28.12 7.67 8.50
CA MET A 507 -27.41 6.48 8.99
C MET A 507 -27.19 6.47 10.51
N GLU A 508 -27.05 7.65 11.12
CA GLU A 508 -26.84 7.70 12.58
C GLU A 508 -28.00 7.11 13.41
N ASP A 509 -29.21 7.08 12.84
CA ASP A 509 -30.37 6.46 13.52
C ASP A 509 -30.20 4.98 13.82
N TRP A 510 -29.37 4.33 13.00
CA TRP A 510 -29.16 2.90 13.06
C TRP A 510 -27.75 2.62 13.51
N ILE A 511 -26.87 3.58 13.30
CA ILE A 511 -25.46 3.39 13.67
C ILE A 511 -25.09 4.63 14.46
N PRO A 512 -25.34 4.59 15.78
CA PRO A 512 -25.29 5.76 16.70
C PRO A 512 -23.88 6.32 16.89
N HIS A 513 -22.87 5.45 16.84
CA HIS A 513 -21.49 5.89 16.99
C HIS A 513 -20.75 6.03 15.69
N LEU A 514 -21.50 6.03 14.59
CA LEU A 514 -20.96 6.21 13.23
C LEU A 514 -19.91 7.34 13.11
N LYS A 515 -18.77 6.99 12.56
CA LYS A 515 -17.73 7.95 12.30
C LYS A 515 -17.78 8.20 10.79
N ARG A 516 -17.44 9.41 10.36
CA ARG A 516 -17.62 9.84 8.98
C ARG A 516 -16.35 10.37 8.38
N GLY A 517 -16.23 10.22 7.05
CA GLY A 517 -15.16 10.85 6.29
C GLY A 517 -15.78 11.33 4.98
N HIS A 518 -15.26 12.42 4.45
CA HIS A 518 -15.83 12.93 3.23
C HIS A 518 -14.70 13.22 2.24
N ILE A 519 -14.93 12.96 0.95
CA ILE A 519 -13.88 13.23 -0.01
C ILE A 519 -14.41 14.13 -1.12
N GLU A 520 -13.79 15.30 -1.21
CA GLU A 520 -14.22 16.24 -2.19
C GLU A 520 -13.58 15.92 -3.49
N ASP A 521 -14.37 16.13 -4.52
CA ASP A 521 -13.90 16.13 -5.89
C ASP A 521 -13.59 14.70 -6.35
N CYS A 522 -14.39 13.76 -5.87
CA CYS A 522 -14.10 12.35 -5.94
C CYS A 522 -15.28 11.62 -6.52
N GLY A 523 -15.10 10.98 -7.65
CA GLY A 523 -16.18 10.26 -8.29
C GLY A 523 -16.55 8.94 -7.60
N HIS A 524 -17.07 8.01 -8.38
CA HIS A 524 -17.60 6.81 -7.82
C HIS A 524 -16.51 5.76 -7.57
N TRP A 525 -15.45 5.83 -8.34
CA TRP A 525 -14.37 4.87 -8.20
C TRP A 525 -13.39 5.36 -7.17
N THR A 526 -13.83 5.38 -5.91
CA THR A 526 -13.16 6.10 -4.83
C THR A 526 -11.69 5.79 -4.65
N GLN A 527 -11.32 4.50 -4.66
CA GLN A 527 -9.97 4.10 -4.33
C GLN A 527 -8.97 4.59 -5.34
N MET A 528 -9.30 4.59 -6.62
CA MET A 528 -8.29 4.95 -7.63
C MET A 528 -8.32 6.44 -7.98
N ASP A 529 -9.37 7.10 -7.53
CA ASP A 529 -9.67 8.48 -7.82
C ASP A 529 -8.98 9.38 -6.81
N LYS A 530 -8.93 8.95 -5.56
CA LYS A 530 -8.38 9.74 -4.48
C LYS A 530 -7.62 8.82 -3.52
N PRO A 531 -6.69 8.02 -4.08
CA PRO A 531 -5.99 7.07 -3.23
C PRO A 531 -5.38 7.68 -1.99
N THR A 532 -4.75 8.84 -2.12
CA THR A 532 -4.06 9.43 -0.99
C THR A 532 -5.03 9.81 0.13
N GLU A 533 -6.14 10.42 -0.24
CA GLU A 533 -7.11 10.84 0.75
C GLU A 533 -7.72 9.61 1.41
N VAL A 534 -7.92 8.55 0.60
CA VAL A 534 -8.55 7.32 1.08
C VAL A 534 -7.69 6.62 2.15
N ASN A 535 -6.39 6.53 1.87
CA ASN A 535 -5.45 5.90 2.77
C ASN A 535 -5.32 6.66 4.10
N GLN A 536 -5.20 7.97 3.96
CA GLN A 536 -5.19 8.85 5.10
C GLN A 536 -6.48 8.60 5.98
N ILE A 537 -7.67 8.59 5.40
CA ILE A 537 -8.91 8.38 6.20
C ILE A 537 -8.97 6.98 6.87
N LEU A 538 -8.73 5.93 6.08
CA LEU A 538 -8.76 4.56 6.60
C LEU A 538 -7.68 4.27 7.66
N ILE A 539 -6.44 4.67 7.38
CA ILE A 539 -5.37 4.43 8.33
C ILE A 539 -5.61 5.15 9.68
N LYS A 540 -6.09 6.39 9.64
CA LYS A 540 -6.43 7.12 10.86
C LYS A 540 -7.54 6.42 11.66
N TRP A 541 -8.62 6.03 10.97
CA TRP A 541 -9.74 5.33 11.57
C TRP A 541 -9.38 3.93 12.11
N LEU A 542 -8.72 3.10 11.31
CA LEU A 542 -8.17 1.84 11.84
C LEU A 542 -7.36 2.05 13.12
N ASP A 543 -6.46 3.03 13.11
CA ASP A 543 -5.58 3.28 14.26
C ASP A 543 -6.40 3.64 15.50
N SER A 544 -7.45 4.42 15.37
CA SER A 544 -8.20 4.73 16.59
C SER A 544 -9.28 3.70 16.94
N ASP A 545 -9.93 3.10 15.95
CA ASP A 545 -11.09 2.22 16.21
C ASP A 545 -10.88 0.72 16.07
N ALA A 546 -9.73 0.32 15.54
CA ALA A 546 -9.50 -1.09 15.23
C ALA A 546 -8.26 -1.74 15.87
N ARG A 547 -7.82 -1.24 17.02
CA ARG A 547 -6.61 -1.78 17.64
C ARG A 547 -6.78 -2.11 19.11
MG MG B . 26.31 7.21 5.10
P PO4 C . 25.98 3.77 5.21
O1 PO4 C . 26.63 5.12 5.00
O2 PO4 C . 26.63 2.74 4.28
O3 PO4 C . 24.52 3.92 4.93
O4 PO4 C . 26.11 3.26 6.62
C7 S0C D . -26.30 -1.46 -5.36
C6 S0C D . -25.55 -1.45 -4.21
C4 S0C D . -24.61 -0.22 -6.08
C1 S0C D . -23.62 0.29 -8.22
C14 S0C D . -21.34 2.59 -11.88
C13 S0C D . -21.47 1.17 -12.38
C11 S0C D . -22.18 2.72 -10.63
C12 S0C D . -21.99 0.35 -11.23
C10 S0C D . -22.68 1.33 -10.31
C9 S0C D . -22.43 0.97 -8.85
N8 S0C D . -25.77 -0.76 -6.42
N3 S0C D . -23.77 0.57 -6.87
O2 S0C D . -24.35 -0.43 -8.87
S5 S0C D . -24.13 -0.54 -4.46
#